data_7K95
#
_entry.id   7K95
#
_cell.length_a   79.040
_cell.length_b   79.040
_cell.length_c   48.662
_cell.angle_alpha   90.000
_cell.angle_beta   90.000
_cell.angle_gamma   120.000
#
_symmetry.space_group_name_H-M   'P 64'
#
loop_
_entity.id
_entity.type
_entity.pdbx_description
1 polymer 'Isoform 2 of Cleavage and polyadenylation specificity factor subunit 4'
2 polymer "Pre-mRNA 3'-end-processing factor FIP1"
3 non-polymer 'ZINC ION'
4 water water
#
loop_
_entity_poly.entity_id
_entity_poly.type
_entity_poly.pdbx_seq_one_letter_code
_entity_poly.pdbx_strand_id
1 'polypeptide(L)' HIDPESKIKDCPWYDRGFCKHGPLCRHRHTRRVICVNYLVGFCPEGPSCKFMHPRFELPM A
2 'polypeptide(L)' SFEDKPWRKPGADLSDYFNYGFNEDTWKAYCEKQKRIRMGLE B,C
#
loop_
_chem_comp.id
_chem_comp.type
_chem_comp.name
_chem_comp.formula
ZN non-polymer 'ZINC ION' 'Zn 2'
#
# COMPACT_ATOMS: atom_id res chain seq x y z
N ILE A 8 13.76 5.39 -16.78
CA ILE A 8 13.70 5.10 -15.29
C ILE A 8 12.24 5.08 -14.89
N LYS A 9 11.89 4.24 -13.93
CA LYS A 9 10.53 4.23 -13.36
C LYS A 9 10.70 4.17 -11.85
N ASP A 10 9.68 4.61 -11.18
CA ASP A 10 9.52 4.39 -9.73
C ASP A 10 9.59 2.88 -9.53
N CYS A 11 10.26 2.46 -8.47
CA CYS A 11 10.44 1.05 -8.12
C CYS A 11 9.09 0.53 -7.63
N PRO A 12 8.50 -0.49 -8.27
CA PRO A 12 7.18 -0.96 -7.79
C PRO A 12 7.30 -1.71 -6.44
N TRP A 13 8.48 -2.22 -6.11
CA TRP A 13 8.70 -2.86 -4.78
C TRP A 13 8.68 -1.76 -3.71
N TYR A 14 9.41 -0.68 -3.93
CA TYR A 14 9.45 0.44 -2.95
C TYR A 14 8.05 1.03 -2.80
N ASP A 15 7.29 1.16 -3.90
CA ASP A 15 5.91 1.70 -3.91
C ASP A 15 4.96 0.79 -3.10
N ARG A 16 5.19 -0.50 -3.10
CA ARG A 16 4.41 -1.47 -2.26
C ARG A 16 4.86 -1.29 -0.81
N GLY A 17 6.16 -0.94 -0.59
CA GLY A 17 6.62 -0.46 0.74
C GLY A 17 8.00 -0.93 1.16
N PHE A 18 8.49 -1.96 0.51
CA PHE A 18 9.80 -2.58 0.85
C PHE A 18 10.55 -2.98 -0.42
N CYS A 19 11.78 -2.50 -0.61
CA CYS A 19 12.68 -2.85 -1.73
C CYS A 19 13.99 -3.37 -1.11
N LYS A 20 14.24 -4.67 -1.27
CA LYS A 20 15.38 -5.35 -0.60
C LYS A 20 16.69 -4.78 -1.14
N HIS A 21 16.69 -4.07 -2.28
CA HIS A 21 17.94 -3.58 -2.94
C HIS A 21 18.33 -2.20 -2.41
N GLY A 22 17.43 -1.52 -1.71
CA GLY A 22 17.74 -0.23 -1.10
C GLY A 22 18.43 0.70 -2.08
N PRO A 23 19.59 1.28 -1.72
CA PRO A 23 20.20 2.35 -2.52
C PRO A 23 20.80 1.87 -3.85
N LEU A 24 20.95 0.57 -3.98
CA LEU A 24 21.50 -0.13 -5.16
C LEU A 24 20.39 -0.39 -6.18
N CYS A 25 19.14 -0.14 -5.86
CA CYS A 25 18.04 -0.36 -6.85
C CYS A 25 18.32 0.53 -8.10
N ARG A 26 18.14 -0.08 -9.30
CA ARG A 26 18.13 0.65 -10.59
C ARG A 26 16.89 1.54 -10.72
N HIS A 27 15.81 1.23 -10.00
CA HIS A 27 14.56 2.03 -10.10
C HIS A 27 14.70 3.16 -9.00
N ARG A 28 13.92 4.20 -9.18
CA ARG A 28 13.84 5.30 -8.16
C ARG A 28 12.98 4.86 -6.95
N HIS A 29 13.42 5.25 -5.75
CA HIS A 29 12.75 4.97 -4.45
C HIS A 29 12.14 6.32 -4.01
N THR A 30 10.95 6.58 -4.55
CA THR A 30 10.18 7.84 -4.32
C THR A 30 9.55 7.78 -2.93
N ARG A 31 10.02 8.62 -1.99
CA ARG A 31 9.40 8.58 -0.63
C ARG A 31 7.98 9.12 -0.73
N ARG A 32 7.04 8.39 -0.16
CA ARG A 32 5.63 8.77 -0.16
C ARG A 32 5.05 8.62 1.26
N VAL A 33 3.89 9.22 1.41
CA VAL A 33 3.12 9.29 2.66
C VAL A 33 1.82 8.52 2.41
N ILE A 34 1.56 7.52 3.24
CA ILE A 34 0.38 6.68 3.01
C ILE A 34 -0.88 7.43 3.48
N CYS A 35 -2.00 7.18 2.83
CA CYS A 35 -3.34 7.68 3.11
C CYS A 35 -3.89 6.84 4.29
N VAL A 36 -4.13 7.49 5.41
CA VAL A 36 -4.69 6.79 6.60
C VAL A 36 -5.99 6.07 6.20
N ASN A 37 -6.81 6.69 5.34
CA ASN A 37 -8.15 6.10 5.08
C ASN A 37 -7.98 4.84 4.23
N TYR A 38 -7.12 4.86 3.22
CA TYR A 38 -6.82 3.68 2.42
C TYR A 38 -6.21 2.58 3.30
N LEU A 39 -5.35 2.95 4.23
CA LEU A 39 -4.74 1.97 5.16
C LEU A 39 -5.87 1.33 5.99
N VAL A 40 -6.88 2.10 6.38
CA VAL A 40 -8.01 1.53 7.18
C VAL A 40 -8.85 0.64 6.28
N GLY A 41 -9.01 0.99 5.00
CA GLY A 41 -9.66 0.15 4.00
C GLY A 41 -10.37 0.87 2.91
N PHE A 42 -10.76 2.14 3.12
CA PHE A 42 -11.53 2.85 2.10
C PHE A 42 -11.21 4.34 2.15
N CYS A 43 -10.97 4.93 1.00
CA CYS A 43 -10.74 6.36 0.79
C CYS A 43 -11.60 6.83 -0.39
N PRO A 44 -12.49 7.82 -0.20
CA PRO A 44 -13.36 8.32 -1.23
C PRO A 44 -12.69 9.27 -2.22
N GLU A 45 -11.40 9.59 -2.04
CA GLU A 45 -10.73 10.57 -2.92
C GLU A 45 -10.19 9.87 -4.19
N GLY A 46 -9.95 8.56 -4.12
CA GLY A 46 -9.34 7.83 -5.25
C GLY A 46 -8.05 8.41 -5.82
N PRO A 47 -7.95 8.51 -7.18
CA PRO A 47 -6.69 8.83 -7.87
C PRO A 47 -6.09 10.17 -7.43
N SER A 48 -7.01 11.10 -7.28
CA SER A 48 -6.80 12.50 -6.81
C SER A 48 -6.50 12.55 -5.31
N CYS A 49 -6.46 11.43 -4.57
CA CYS A 49 -6.08 11.57 -3.16
C CYS A 49 -4.72 12.25 -3.12
N LYS A 50 -4.51 13.13 -2.17
CA LYS A 50 -3.17 13.76 -1.97
C LYS A 50 -2.16 12.77 -1.40
N PHE A 51 -2.61 11.63 -0.86
CA PHE A 51 -1.76 10.64 -0.19
C PHE A 51 -1.78 9.36 -1.01
N MET A 52 -0.76 8.55 -0.78
CA MET A 52 -0.57 7.30 -1.58
C MET A 52 -1.56 6.22 -1.17
N HIS A 53 -2.04 5.41 -2.13
CA HIS A 53 -2.81 4.17 -1.91
C HIS A 53 -1.99 2.94 -2.33
N PRO A 54 -1.14 2.40 -1.47
CA PRO A 54 -0.17 1.39 -1.91
C PRO A 54 -0.83 0.04 -2.15
N ARG A 55 -0.54 -0.55 -3.30
CA ARG A 55 -1.05 -1.89 -3.66
C ARG A 55 -0.14 -2.93 -3.02
N PHE A 56 -0.65 -4.14 -2.82
CA PHE A 56 0.14 -5.18 -2.16
C PHE A 56 0.58 -6.27 -3.15
N GLU A 57 -0.04 -6.38 -4.33
CA GLU A 57 0.38 -7.28 -5.43
C GLU A 57 1.89 -7.20 -5.63
N LEU A 58 2.58 -8.32 -5.72
CA LEU A 58 4.04 -8.27 -5.95
C LEU A 58 4.33 -8.09 -7.44
N PRO A 59 5.25 -7.19 -7.79
CA PRO A 59 5.78 -7.14 -9.13
C PRO A 59 6.70 -8.35 -9.33
N MET A 60 7.07 -8.66 -10.57
CA MET A 60 7.81 -9.90 -10.90
C MET A 60 9.34 -9.74 -11.02
N ASP B 4 19.95 -12.32 3.56
CA ASP B 4 20.71 -11.17 4.12
C ASP B 4 19.72 -10.12 4.59
N LYS B 5 20.14 -9.24 5.52
CA LYS B 5 19.39 -8.04 5.96
C LYS B 5 20.32 -6.82 5.93
N PRO B 6 20.73 -6.36 4.72
CA PRO B 6 21.69 -5.26 4.62
C PRO B 6 21.17 -3.93 5.16
N TRP B 7 19.89 -3.83 5.49
CA TRP B 7 19.27 -2.58 6.03
C TRP B 7 19.51 -2.47 7.54
N ARG B 8 19.95 -3.56 8.19
CA ARG B 8 20.31 -3.58 9.63
C ARG B 8 21.72 -2.98 9.80
N LYS B 9 22.69 -3.48 9.04
CA LYS B 9 24.13 -3.04 9.05
C LYS B 9 24.23 -1.59 9.50
N PRO B 10 25.17 -1.24 10.42
CA PRO B 10 25.31 0.14 10.89
C PRO B 10 25.50 1.11 9.72
N GLY B 11 25.01 2.35 9.89
CA GLY B 11 25.12 3.42 8.87
C GLY B 11 24.07 3.30 7.78
N ALA B 12 23.27 2.22 7.76
CA ALA B 12 22.23 1.95 6.72
C ALA B 12 21.10 2.96 6.89
N ASP B 13 20.61 3.51 5.77
CA ASP B 13 19.44 4.41 5.78
C ASP B 13 18.21 3.52 5.58
N LEU B 14 17.34 3.43 6.59
CA LEU B 14 16.21 2.46 6.59
C LEU B 14 15.24 2.80 5.45
N SER B 15 15.09 4.08 5.20
CA SER B 15 14.19 4.72 4.20
C SER B 15 14.65 4.38 2.76
N ASP B 16 15.87 3.91 2.56
CA ASP B 16 16.31 3.41 1.23
C ASP B 16 15.60 2.10 0.88
N TYR B 17 15.11 1.43 1.91
CA TYR B 17 14.57 0.05 1.87
C TYR B 17 13.06 0.07 2.10
N PHE B 18 12.63 0.86 3.07
CA PHE B 18 11.22 0.94 3.50
C PHE B 18 10.64 2.29 3.15
N ASN B 19 9.43 2.25 2.59
CA ASN B 19 8.65 3.46 2.21
C ASN B 19 7.67 3.77 3.34
N TYR B 20 7.06 4.93 3.28
CA TYR B 20 5.92 5.33 4.15
C TYR B 20 6.32 5.45 5.61
N GLY B 21 7.60 5.40 5.98
CA GLY B 21 7.97 5.40 7.41
C GLY B 21 7.88 4.02 8.04
N PHE B 22 7.69 2.95 7.26
CA PHE B 22 7.76 1.58 7.82
C PHE B 22 9.16 1.26 8.36
N ASN B 23 9.22 0.30 9.29
CA ASN B 23 10.51 -0.34 9.65
C ASN B 23 10.30 -1.84 9.47
N GLU B 24 11.30 -2.64 9.82
CA GLU B 24 11.20 -4.10 9.59
C GLU B 24 10.06 -4.64 10.47
N ASP B 25 9.85 -4.10 11.66
CA ASP B 25 8.75 -4.58 12.56
C ASP B 25 7.36 -4.15 12.04
N THR B 26 7.16 -2.88 11.68
CA THR B 26 5.83 -2.37 11.24
C THR B 26 5.49 -2.95 9.86
N TRP B 27 6.51 -3.18 9.01
CA TRP B 27 6.34 -3.82 7.69
C TRP B 27 5.77 -5.24 7.91
N LYS B 28 6.39 -6.02 8.78
CA LYS B 28 5.89 -7.41 9.03
C LYS B 28 4.43 -7.37 9.55
N ALA B 29 4.10 -6.44 10.43
CA ALA B 29 2.71 -6.33 10.97
C ALA B 29 1.77 -6.02 9.81
N TYR B 30 2.16 -5.06 8.96
CA TYR B 30 1.32 -4.70 7.80
C TYR B 30 1.12 -5.89 6.88
N CYS B 31 2.15 -6.69 6.63
CA CYS B 31 2.03 -7.96 5.86
C CYS B 31 1.00 -8.93 6.52
N GLU B 32 0.96 -9.05 7.82
CA GLU B 32 -0.02 -9.95 8.54
C GLU B 32 -1.46 -9.37 8.46
N LYS B 33 -1.57 -8.04 8.54
CA LYS B 33 -2.88 -7.33 8.37
C LYS B 33 -3.43 -7.58 6.97
N GLN B 34 -2.60 -7.42 5.92
CA GLN B 34 -3.03 -7.75 4.54
C GLN B 34 -3.66 -9.13 4.56
N LYS B 35 -2.93 -10.10 5.12
CA LYS B 35 -3.38 -11.52 5.07
C LYS B 35 -4.69 -11.69 5.84
N ARG B 36 -4.74 -11.18 7.06
CA ARG B 36 -6.00 -11.31 7.86
C ARG B 36 -7.24 -10.71 7.14
N ILE B 37 -7.14 -9.49 6.65
CA ILE B 37 -8.33 -8.80 6.06
C ILE B 37 -8.67 -9.53 4.76
N ARG B 38 -7.67 -9.84 3.92
CA ARG B 38 -7.98 -10.36 2.53
C ARG B 38 -8.67 -11.73 2.55
N MET B 39 -8.37 -12.55 3.55
CA MET B 39 -8.84 -13.95 3.51
C MET B 39 -10.40 -14.00 3.48
N GLY B 40 -11.05 -12.99 4.08
CA GLY B 40 -12.51 -13.00 4.27
C GLY B 40 -13.27 -12.29 3.16
N LEU B 41 -12.62 -11.92 2.05
CA LEU B 41 -13.22 -11.08 0.96
C LEU B 41 -13.27 -11.80 -0.42
N GLU B 42 -14.14 -11.31 -1.32
CA GLU B 42 -14.64 -12.01 -2.54
C GLU B 42 -14.00 -11.41 -3.81
N GLU C 3 -20.79 11.61 -9.44
CA GLU C 3 -21.79 11.14 -8.44
C GLU C 3 -21.29 11.49 -7.03
N ASP C 4 -22.12 11.23 -6.03
CA ASP C 4 -21.66 11.08 -4.62
C ASP C 4 -20.59 10.00 -4.52
N LYS C 5 -20.46 9.14 -5.55
CA LYS C 5 -19.84 7.78 -5.47
C LYS C 5 -19.07 7.51 -6.75
N PRO C 6 -17.93 8.21 -6.96
CA PRO C 6 -17.16 8.14 -8.20
C PRO C 6 -16.60 6.76 -8.58
N TRP C 7 -16.47 5.84 -7.61
CA TRP C 7 -15.97 4.46 -7.87
C TRP C 7 -17.01 3.61 -8.60
N ARG C 8 -18.30 3.94 -8.53
CA ARG C 8 -19.37 3.19 -9.24
C ARG C 8 -19.37 3.48 -10.74
N LYS C 9 -19.06 4.72 -11.12
CA LYS C 9 -18.94 5.23 -12.52
C LYS C 9 -18.31 4.17 -13.43
N PRO C 10 -18.80 3.97 -14.68
CA PRO C 10 -18.15 3.03 -15.60
C PRO C 10 -16.66 3.35 -15.79
N GLY C 11 -15.82 2.31 -15.74
CA GLY C 11 -14.39 2.42 -16.05
C GLY C 11 -13.56 2.64 -14.79
N ALA C 12 -14.14 3.16 -13.72
CA ALA C 12 -13.42 3.44 -12.45
C ALA C 12 -12.79 2.13 -11.94
N ASP C 13 -11.58 2.21 -11.39
CA ASP C 13 -10.92 1.06 -10.72
C ASP C 13 -11.32 1.07 -9.25
N LEU C 14 -12.00 0.03 -8.77
CA LEU C 14 -12.43 -0.06 -7.35
C LEU C 14 -11.22 0.10 -6.40
N SER C 15 -10.05 -0.41 -6.79
CA SER C 15 -8.87 -0.44 -5.87
C SER C 15 -8.25 0.96 -5.73
N ASP C 16 -8.68 1.97 -6.50
CA ASP C 16 -8.27 3.36 -6.18
C ASP C 16 -8.95 3.84 -4.89
N TYR C 17 -10.04 3.23 -4.47
CA TYR C 17 -10.90 3.65 -3.34
C TYR C 17 -10.82 2.60 -2.25
N PHE C 18 -10.95 1.34 -2.62
CA PHE C 18 -11.04 0.23 -1.64
C PHE C 18 -9.71 -0.52 -1.57
N ASN C 19 -9.21 -0.70 -0.34
CA ASN C 19 -7.95 -1.45 -0.12
C ASN C 19 -8.35 -2.92 0.07
N TYR C 20 -7.36 -3.82 0.08
CA TYR C 20 -7.52 -5.23 0.55
C TYR C 20 -8.49 -6.08 -0.30
N GLY C 21 -8.87 -5.64 -1.48
CA GLY C 21 -9.91 -6.22 -2.34
C GLY C 21 -11.29 -6.00 -1.77
N PHE C 22 -11.54 -5.00 -0.92
CA PHE C 22 -12.93 -4.65 -0.50
C PHE C 22 -13.70 -4.16 -1.72
N ASN C 23 -15.03 -4.25 -1.62
CA ASN C 23 -15.95 -3.57 -2.58
C ASN C 23 -17.04 -2.92 -1.73
N GLU C 24 -17.93 -2.18 -2.36
CA GLU C 24 -18.99 -1.46 -1.62
C GLU C 24 -19.69 -2.45 -0.69
N ASP C 25 -20.08 -3.61 -1.20
CA ASP C 25 -20.86 -4.55 -0.36
C ASP C 25 -20.03 -5.05 0.83
N THR C 26 -18.81 -5.53 0.61
CA THR C 26 -18.04 -6.18 1.69
C THR C 26 -17.49 -5.14 2.68
N TRP C 27 -17.26 -3.91 2.22
CA TRP C 27 -16.82 -2.81 3.13
C TRP C 27 -17.96 -2.52 4.12
N LYS C 28 -19.18 -2.35 3.59
CA LYS C 28 -20.37 -2.06 4.40
C LYS C 28 -20.48 -3.12 5.48
N ALA C 29 -20.40 -4.39 5.08
CA ALA C 29 -20.58 -5.54 6.00
C ALA C 29 -19.49 -5.48 7.06
N TYR C 30 -18.23 -5.25 6.65
CA TYR C 30 -17.07 -5.19 7.57
C TYR C 30 -17.23 -4.09 8.64
N CYS C 31 -17.72 -2.93 8.24
CA CYS C 31 -17.96 -1.75 9.11
C CYS C 31 -19.13 -2.00 10.05
N GLU C 32 -20.17 -2.69 9.57
CA GLU C 32 -21.49 -2.81 10.25
C GLU C 32 -21.58 -4.12 11.04
N LYS C 33 -20.53 -4.94 11.02
CA LYS C 33 -20.25 -6.01 12.03
C LYS C 33 -20.04 -5.32 13.37
ZN ZN D . 13.76 -0.76 -5.65
ZN ZN E . -6.70 8.48 0.12
#